data_5N51
#
_entry.id   5N51
#
_cell.length_a   97.995
_cell.length_b   97.995
_cell.length_c   80.275
_cell.angle_alpha   90.00
_cell.angle_beta   90.00
_cell.angle_gamma   120.00
#
_symmetry.space_group_name_H-M   'P 65'
#
loop_
_entity.id
_entity.type
_entity.pdbx_description
1 polymer 'Serine/threonine-protein kinase pim-1'
2 polymer Pimtide
3 non-polymer '3,4-bis(bromanyl)thiophene-2-carboxylic acid'
4 water water
#
loop_
_entity_poly.entity_id
_entity_poly.type
_entity_poly.pdbx_seq_one_letter_code
_entity_poly.pdbx_strand_id
1 'polypeptide(L)'
;MLLSKINSLAHLRAAPCNDLHATKLAPGKEKEPLESQYQVGPLLGSGGFGSVYSGIRVSDNLPVAIKHVEKDRISDWGEL
PNGTRVPMEVVLLKKVSSGFSGVIRLLDWFERPDSFVLILERPEPVQDLFDFITERGALQEELARSFFWQVLEAVRHCHN
CGVLHRDIKDENILIDLNRGELKLIDFGSGALLKDTVYTDFDGTRVYSPPEWIRYHRYHGRSAAVWSLGILLYDMVCGDI
PFEHDEEIIGGQVFFRQRVS(SEP)ECQHLIRWCLALRPSDRPTFEEIQNHPWMQDVLLPQETAEIHLHSLSPGPSK
;
A
2 'polypeptide(L)' ARKRRRHPSGPPTA B
#
loop_
_chem_comp.id
_chem_comp.type
_chem_comp.name
_chem_comp.formula
8N8 non-polymer '3,4-bis(bromanyl)thiophene-2-carboxylic acid' 'C5 H2 Br2 O2 S'
#
# COMPACT_ATOMS: atom_id res chain seq x y z
N PRO A 33 6.10 29.76 -6.81
CA PRO A 33 5.40 30.03 -5.55
C PRO A 33 5.03 28.74 -4.79
N LEU A 34 5.90 28.30 -3.88
CA LEU A 34 5.66 27.09 -3.10
C LEU A 34 5.27 27.41 -1.66
N GLU A 35 6.09 28.18 -0.94
CA GLU A 35 5.73 28.59 0.41
C GLU A 35 4.59 29.60 0.42
N SER A 36 4.25 30.20 -0.73
CA SER A 36 3.15 31.15 -0.82
C SER A 36 1.82 30.49 -1.14
N GLN A 37 1.83 29.26 -1.64
CA GLN A 37 0.61 28.60 -2.05
C GLN A 37 0.10 27.58 -1.03
N TYR A 38 0.90 27.22 -0.03
CA TYR A 38 0.49 26.26 0.97
C TYR A 38 0.91 26.74 2.35
N GLN A 39 -0.01 26.64 3.32
CA GLN A 39 0.31 26.83 4.72
C GLN A 39 0.80 25.51 5.28
N VAL A 40 2.04 25.48 5.75
CA VAL A 40 2.67 24.25 6.22
C VAL A 40 2.39 24.10 7.71
N GLY A 41 1.96 22.90 8.11
CA GLY A 41 1.65 22.62 9.49
C GLY A 41 2.61 21.61 10.10
N PRO A 42 2.09 20.74 10.97
CA PRO A 42 2.96 19.86 11.74
C PRO A 42 3.46 18.66 10.94
N LEU A 43 4.59 18.14 11.41
CA LEU A 43 5.15 16.91 10.89
C LEU A 43 4.18 15.75 11.11
N LEU A 44 3.88 15.01 10.04
CA LEU A 44 3.10 13.79 10.18
C LEU A 44 3.98 12.57 10.40
N GLY A 45 5.17 12.56 9.80
CA GLY A 45 6.08 11.44 9.95
C GLY A 45 7.30 11.63 9.08
N SER A 46 8.17 10.63 9.13
CA SER A 46 9.39 10.60 8.31
C SER A 46 9.93 9.18 8.26
N SER A 51 10.07 12.70 5.56
CA SER A 51 9.59 13.96 6.14
C SER A 51 8.33 14.45 5.45
N VAL A 52 7.19 14.27 6.11
CA VAL A 52 5.87 14.58 5.57
C VAL A 52 5.15 15.50 6.54
N TYR A 53 4.66 16.65 6.02
CA TYR A 53 4.04 17.68 6.83
C TYR A 53 2.57 17.84 6.46
N SER A 54 1.73 18.04 7.47
CA SER A 54 0.36 18.44 7.19
C SER A 54 0.35 19.87 6.67
N GLY A 55 -0.65 20.18 5.86
CA GLY A 55 -0.73 21.49 5.26
C GLY A 55 -2.12 21.71 4.69
N ILE A 56 -2.34 22.93 4.21
CA ILE A 56 -3.61 23.33 3.61
C ILE A 56 -3.29 24.18 2.40
N ARG A 57 -4.00 23.94 1.31
CA ARG A 57 -3.86 24.76 0.12
C ARG A 57 -4.59 26.08 0.35
N VAL A 58 -3.89 27.20 0.17
CA VAL A 58 -4.52 28.49 0.46
C VAL A 58 -5.62 28.78 -0.53
N SER A 59 -5.50 28.28 -1.77
CA SER A 59 -6.50 28.54 -2.80
C SER A 59 -7.90 28.15 -2.34
N ASP A 60 -8.02 27.01 -1.62
CA ASP A 60 -9.36 26.55 -1.24
C ASP A 60 -9.41 25.82 0.11
N ASN A 61 -8.39 25.94 0.96
CA ASN A 61 -8.35 25.28 2.25
C ASN A 61 -8.42 23.76 2.14
N LEU A 62 -8.01 23.21 1.00
CA LEU A 62 -7.99 21.76 0.85
C LEU A 62 -6.89 21.18 1.74
N PRO A 63 -7.19 20.19 2.58
CA PRO A 63 -6.12 19.55 3.35
C PRO A 63 -5.17 18.80 2.42
N VAL A 64 -3.88 19.02 2.62
CA VAL A 64 -2.85 18.36 1.82
C VAL A 64 -1.80 17.78 2.75
N ALA A 65 -0.95 16.94 2.18
CA ALA A 65 0.27 16.47 2.82
C ALA A 65 1.45 16.90 1.96
N ILE A 66 2.51 17.39 2.61
CA ILE A 66 3.65 17.96 1.91
C ILE A 66 4.86 17.07 2.22
N LYS A 67 5.31 16.33 1.21
CA LYS A 67 6.35 15.32 1.37
C LYS A 67 7.65 15.81 0.75
N HIS A 68 8.71 15.84 1.54
CA HIS A 68 10.03 16.31 1.12
C HIS A 68 10.95 15.11 0.93
N VAL A 69 11.67 15.08 -0.17
CA VAL A 69 12.55 13.97 -0.52
C VAL A 69 13.90 14.54 -0.94
N GLU A 70 14.99 14.07 -0.30
CA GLU A 70 16.31 14.59 -0.61
C GLU A 70 16.83 13.96 -1.88
N LYS A 71 17.33 14.80 -2.80
CA LYS A 71 17.90 14.30 -4.04
C LYS A 71 18.98 13.26 -3.79
N ASP A 72 19.81 13.48 -2.78
CA ASP A 72 20.94 12.58 -2.51
C ASP A 72 20.50 11.17 -2.15
N ARG A 73 19.26 10.98 -1.71
CA ARG A 73 18.79 9.68 -1.23
C ARG A 73 17.92 8.96 -2.25
N ILE A 74 17.83 9.44 -3.47
CA ILE A 74 16.89 8.89 -4.44
C ILE A 74 17.54 7.73 -5.18
N SER A 75 16.90 6.57 -5.13
CA SER A 75 17.42 5.36 -5.78
C SER A 75 17.18 5.40 -7.28
N ASP A 76 15.92 5.32 -7.70
CA ASP A 76 15.57 5.29 -9.12
C ASP A 76 15.08 6.66 -9.57
N TRP A 77 15.63 7.14 -10.68
CA TRP A 77 15.19 8.36 -11.32
C TRP A 77 14.43 8.05 -12.60
N GLY A 78 13.45 8.89 -12.93
CA GLY A 78 12.74 8.81 -14.20
C GLY A 78 12.67 10.17 -14.85
N GLU A 79 12.00 10.19 -16.00
CA GLU A 79 11.77 11.41 -16.76
C GLU A 79 10.27 11.58 -16.99
N LEU A 80 9.80 12.82 -16.83
CA LEU A 80 8.39 13.11 -17.02
C LEU A 80 8.09 13.27 -18.50
N PRO A 81 6.81 13.29 -18.87
CA PRO A 81 6.45 13.58 -20.27
C PRO A 81 6.90 14.98 -20.68
N ASN A 82 8.22 15.19 -20.70
CA ASN A 82 8.84 16.48 -20.98
C ASN A 82 10.35 16.31 -20.93
N GLY A 83 10.80 15.13 -20.49
CA GLY A 83 12.22 14.86 -20.34
C GLY A 83 12.84 15.42 -19.07
N THR A 84 12.05 15.96 -18.16
CA THR A 84 12.58 16.47 -16.90
C THR A 84 12.91 15.29 -16.00
N ARG A 85 14.15 15.23 -15.53
CA ARG A 85 14.57 14.14 -14.65
C ARG A 85 13.97 14.34 -13.26
N VAL A 86 13.10 13.41 -12.85
CA VAL A 86 12.39 13.51 -11.58
C VAL A 86 12.53 12.18 -10.85
N PRO A 87 12.29 12.16 -9.54
CA PRO A 87 12.22 10.88 -8.83
C PRO A 87 11.18 9.97 -9.48
N MET A 88 11.49 8.68 -9.54
CA MET A 88 10.54 7.70 -10.05
C MET A 88 9.18 7.80 -9.33
N GLU A 89 9.21 8.10 -8.03
CA GLU A 89 7.97 8.25 -7.26
C GLU A 89 7.04 9.26 -7.92
N VAL A 90 7.59 10.39 -8.38
CA VAL A 90 6.80 11.38 -9.09
C VAL A 90 6.24 10.79 -10.37
N VAL A 91 7.08 10.11 -11.15
CA VAL A 91 6.62 9.47 -12.38
C VAL A 91 5.46 8.53 -12.09
N LEU A 92 5.62 7.67 -11.08
CA LEU A 92 4.60 6.67 -10.79
C LEU A 92 3.31 7.33 -10.31
N LEU A 93 3.43 8.39 -9.51
CA LEU A 93 2.25 9.05 -8.98
C LEU A 93 1.46 9.74 -10.07
N LYS A 94 2.14 10.36 -11.06
CA LYS A 94 1.41 10.99 -12.16
C LYS A 94 0.66 9.96 -12.98
N LYS A 95 1.27 8.78 -13.19
CA LYS A 95 0.60 7.75 -13.96
C LYS A 95 -0.65 7.22 -13.27
N VAL A 96 -0.68 7.16 -11.94
CA VAL A 96 -1.88 6.67 -11.25
C VAL A 96 -2.81 7.80 -10.86
N SER A 97 -2.43 9.07 -11.09
CA SER A 97 -3.22 10.20 -10.61
C SER A 97 -4.50 10.38 -11.40
N SER A 98 -4.60 9.76 -12.57
CA SER A 98 -5.72 10.04 -13.47
C SER A 98 -7.01 9.54 -12.85
N GLY A 99 -7.90 10.46 -12.51
CA GLY A 99 -9.21 10.09 -12.03
C GLY A 99 -9.31 9.98 -10.52
N PHE A 100 -10.44 9.43 -10.10
CA PHE A 100 -10.71 9.13 -8.70
C PHE A 100 -10.49 7.64 -8.48
N SER A 101 -9.80 7.29 -7.40
CA SER A 101 -9.57 5.89 -7.09
C SER A 101 -9.08 5.80 -5.64
N GLY A 102 -8.74 4.58 -5.25
CA GLY A 102 -8.21 4.32 -3.93
C GLY A 102 -6.71 4.52 -3.84
N VAL A 103 -6.16 5.40 -4.69
CA VAL A 103 -4.75 5.73 -4.65
C VAL A 103 -4.59 7.21 -4.28
N ILE A 104 -3.58 7.50 -3.45
CA ILE A 104 -3.30 8.88 -3.09
C ILE A 104 -3.03 9.70 -4.34
N ARG A 105 -3.56 10.92 -4.37
CA ARG A 105 -3.50 11.76 -5.56
C ARG A 105 -2.36 12.77 -5.39
N LEU A 106 -1.43 12.79 -6.34
CA LEU A 106 -0.40 13.81 -6.38
C LEU A 106 -0.98 15.09 -6.98
N LEU A 107 -1.06 16.16 -6.18
CA LEU A 107 -1.66 17.40 -6.64
C LEU A 107 -0.68 18.30 -7.37
N ASP A 108 0.59 18.24 -7.01
CA ASP A 108 1.60 19.13 -7.57
C ASP A 108 2.93 18.66 -7.04
N TRP A 109 4.01 19.21 -7.61
CA TRP A 109 5.35 18.97 -7.10
C TRP A 109 6.23 20.14 -7.49
N PHE A 110 7.35 20.25 -6.79
CA PHE A 110 8.32 21.33 -6.97
C PHE A 110 9.71 20.73 -6.84
N GLU A 111 10.66 21.29 -7.56
CA GLU A 111 12.07 20.96 -7.40
C GLU A 111 12.78 22.09 -6.68
N ARG A 112 13.66 21.72 -5.75
CA ARG A 112 14.45 22.62 -4.94
C ARG A 112 15.92 22.26 -5.15
N PRO A 113 16.87 23.10 -4.74
CA PRO A 113 18.29 22.76 -4.93
C PRO A 113 18.64 21.33 -4.51
N ASP A 114 18.26 20.93 -3.31
CA ASP A 114 18.69 19.64 -2.78
C ASP A 114 17.54 18.65 -2.58
N SER A 115 16.32 19.00 -3.00
CA SER A 115 15.19 18.13 -2.72
C SER A 115 14.09 18.30 -3.76
N PHE A 116 13.15 17.36 -3.75
CA PHE A 116 11.85 17.54 -4.36
C PHE A 116 10.79 17.58 -3.27
N VAL A 117 9.74 18.36 -3.52
CA VAL A 117 8.60 18.48 -2.62
C VAL A 117 7.35 17.99 -3.35
N LEU A 118 6.61 17.10 -2.71
CA LEU A 118 5.43 16.46 -3.29
C LEU A 118 4.20 16.91 -2.53
N ILE A 119 3.19 17.38 -3.26
CA ILE A 119 1.93 17.83 -2.66
C ILE A 119 0.88 16.75 -2.90
N LEU A 120 0.40 16.15 -1.82
CA LEU A 120 -0.55 15.06 -1.88
C LEU A 120 -1.86 15.47 -1.23
N GLU A 121 -2.95 14.97 -1.78
CA GLU A 121 -4.26 15.17 -1.15
C GLU A 121 -4.32 14.39 0.17
N ARG A 122 -4.78 15.05 1.23
CA ARG A 122 -4.76 14.44 2.56
C ARG A 122 -6.18 14.20 3.06
N PRO A 123 -6.57 12.96 3.33
CA PRO A 123 -7.88 12.72 3.94
C PRO A 123 -7.91 13.19 5.38
N GLU A 124 -9.10 13.57 5.81
CA GLU A 124 -9.30 14.06 7.16
C GLU A 124 -10.76 13.85 7.53
N PRO A 125 -11.02 13.13 8.63
CA PRO A 125 -10.00 12.55 9.50
C PRO A 125 -9.45 11.24 8.91
N VAL A 126 -8.26 10.85 9.31
CA VAL A 126 -7.55 9.72 8.73
C VAL A 126 -6.83 8.95 9.83
N GLN A 127 -6.69 7.64 9.64
CA GLN A 127 -5.77 6.80 10.40
C GLN A 127 -5.15 5.81 9.44
N ASP A 128 -3.86 5.52 9.60
CA ASP A 128 -3.31 4.50 8.72
C ASP A 128 -3.66 3.11 9.27
N LEU A 129 -3.60 2.12 8.37
CA LEU A 129 -4.16 0.82 8.72
C LEU A 129 -3.33 0.11 9.77
N PHE A 130 -2.04 0.42 9.86
CA PHE A 130 -1.22 -0.18 10.92
C PHE A 130 -1.71 0.25 12.31
N ASP A 131 -1.86 1.55 12.54
CA ASP A 131 -2.33 2.03 13.83
C ASP A 131 -3.75 1.54 14.12
N PHE A 132 -4.56 1.45 13.07
CA PHE A 132 -5.94 0.97 13.22
C PHE A 132 -5.96 -0.45 13.74
N ILE A 133 -5.17 -1.35 13.13
CA ILE A 133 -5.13 -2.74 13.58
C ILE A 133 -4.50 -2.84 14.97
N THR A 134 -3.48 -2.03 15.24
CA THR A 134 -2.88 -2.01 16.58
C THR A 134 -3.93 -1.69 17.63
N GLU A 135 -4.76 -0.68 17.38
CA GLU A 135 -5.77 -0.29 18.36
C GLU A 135 -6.95 -1.26 18.40
N ARG A 136 -7.40 -1.75 17.25
CA ARG A 136 -8.61 -2.57 17.23
C ARG A 136 -8.33 -4.05 17.44
N GLY A 137 -7.09 -4.49 17.23
CA GLY A 137 -6.81 -5.91 17.22
C GLY A 137 -7.27 -6.51 15.90
N ALA A 138 -7.35 -7.84 15.86
CA ALA A 138 -7.84 -8.55 14.67
C ALA A 138 -9.19 -7.99 14.24
N LEU A 139 -9.36 -7.81 12.94
CA LEU A 139 -10.56 -7.21 12.41
C LEU A 139 -11.62 -8.29 12.17
N GLN A 140 -12.87 -7.97 12.48
CA GLN A 140 -13.99 -8.77 11.97
C GLN A 140 -13.86 -9.01 10.48
N GLU A 141 -14.20 -10.23 10.05
CA GLU A 141 -14.00 -10.61 8.65
C GLU A 141 -14.79 -9.71 7.70
N GLU A 142 -16.00 -9.30 8.10
CA GLU A 142 -16.77 -8.36 7.29
C GLU A 142 -15.97 -7.10 7.01
N LEU A 143 -15.28 -6.57 8.03
CA LEU A 143 -14.50 -5.35 7.84
C LEU A 143 -13.24 -5.62 7.04
N ALA A 144 -12.52 -6.71 7.37
CA ALA A 144 -11.35 -7.10 6.59
C ALA A 144 -11.70 -7.32 5.12
N ARG A 145 -12.89 -7.87 4.86
CA ARG A 145 -13.33 -8.08 3.47
C ARG A 145 -13.46 -6.75 2.76
N SER A 146 -14.16 -5.79 3.37
CA SER A 146 -14.35 -4.50 2.72
C SER A 146 -13.01 -3.81 2.47
N PHE A 147 -12.13 -3.79 3.48
CA PHE A 147 -10.80 -3.20 3.33
C PHE A 147 -9.99 -3.91 2.25
N PHE A 148 -9.90 -5.24 2.34
CA PHE A 148 -9.09 -5.99 1.40
C PHE A 148 -9.57 -5.79 -0.03
N TRP A 149 -10.90 -5.79 -0.22
CA TRP A 149 -11.46 -5.54 -1.54
C TRP A 149 -11.03 -4.18 -2.09
N GLN A 150 -11.09 -3.14 -1.26
CA GLN A 150 -10.68 -1.81 -1.73
C GLN A 150 -9.18 -1.78 -2.07
N VAL A 151 -8.36 -2.51 -1.32
CA VAL A 151 -6.94 -2.56 -1.67
C VAL A 151 -6.75 -3.27 -3.01
N LEU A 152 -7.50 -4.35 -3.23
CA LEU A 152 -7.48 -5.03 -4.53
C LEU A 152 -7.82 -4.09 -5.68
N GLU A 153 -8.92 -3.33 -5.56
CA GLU A 153 -9.29 -2.38 -6.61
C GLU A 153 -8.20 -1.35 -6.84
N ALA A 154 -7.59 -0.85 -5.75
CA ALA A 154 -6.53 0.15 -5.87
C ALA A 154 -5.31 -0.42 -6.57
N VAL A 155 -4.93 -1.65 -6.23
CA VAL A 155 -3.75 -2.25 -6.82
C VAL A 155 -4.02 -2.61 -8.28
N ARG A 156 -5.24 -3.06 -8.59
CA ARG A 156 -5.62 -3.27 -10.00
C ARG A 156 -5.48 -1.96 -10.76
N HIS A 157 -5.89 -0.86 -10.15
CA HIS A 157 -5.79 0.45 -10.80
C HIS A 157 -4.33 0.79 -11.08
N CYS A 158 -3.46 0.56 -10.09
CA CYS A 158 -2.03 0.76 -10.32
C CYS A 158 -1.55 -0.06 -11.50
N HIS A 159 -1.88 -1.36 -11.52
CA HIS A 159 -1.37 -2.20 -12.60
C HIS A 159 -1.95 -1.77 -13.95
N ASN A 160 -3.22 -1.34 -13.99
CA ASN A 160 -3.79 -0.82 -15.23
C ASN A 160 -3.05 0.41 -15.70
N CYS A 161 -2.50 1.19 -14.78
CA CYS A 161 -1.78 2.41 -15.13
C CYS A 161 -0.29 2.16 -15.39
N GLY A 162 0.17 0.91 -15.36
CA GLY A 162 1.56 0.60 -15.64
C GLY A 162 2.49 0.71 -14.45
N VAL A 163 1.98 0.63 -13.23
CA VAL A 163 2.73 0.93 -12.02
C VAL A 163 2.66 -0.26 -11.07
N LEU A 164 3.83 -0.67 -10.58
CA LEU A 164 3.95 -1.72 -9.57
C LEU A 164 4.34 -1.04 -8.28
N HIS A 165 3.54 -1.23 -7.23
CA HIS A 165 3.78 -0.47 -5.99
C HIS A 165 4.99 -1.01 -5.24
N ARG A 166 5.08 -2.34 -5.08
CA ARG A 166 6.19 -3.03 -4.43
C ARG A 166 6.31 -2.77 -2.93
N ASP A 167 5.34 -2.12 -2.29
CA ASP A 167 5.43 -2.01 -0.84
C ASP A 167 4.04 -1.98 -0.22
N ILE A 168 3.13 -2.84 -0.72
CA ILE A 168 1.82 -2.98 -0.08
C ILE A 168 2.01 -3.46 1.35
N LYS A 169 1.45 -2.73 2.31
CA LYS A 169 1.45 -3.13 3.71
C LYS A 169 0.49 -2.21 4.45
N ASP A 170 0.11 -2.61 5.68
CA ASP A 170 -0.87 -1.80 6.41
C ASP A 170 -0.36 -0.39 6.66
N GLU A 171 0.95 -0.25 6.85
CA GLU A 171 1.55 1.08 7.05
C GLU A 171 1.32 2.01 5.87
N ASN A 172 1.23 1.47 4.66
CA ASN A 172 1.07 2.28 3.46
C ASN A 172 -0.38 2.37 2.98
N ILE A 173 -1.33 2.24 3.89
CA ILE A 173 -2.76 2.34 3.57
C ILE A 173 -3.40 3.29 4.56
N LEU A 174 -4.05 4.34 4.04
CA LEU A 174 -4.80 5.28 4.86
C LEU A 174 -6.28 4.96 4.79
N ILE A 175 -6.96 5.11 5.93
CA ILE A 175 -8.40 4.94 6.04
C ILE A 175 -9.03 6.32 6.21
N ASP A 176 -9.89 6.71 5.27
CA ASP A 176 -10.77 7.87 5.45
C ASP A 176 -11.91 7.43 6.36
N LEU A 177 -11.84 7.80 7.63
CA LEU A 177 -12.75 7.26 8.62
C LEU A 177 -14.19 7.72 8.40
N ASN A 178 -14.39 8.89 7.79
CA ASN A 178 -15.77 9.33 7.55
C ASN A 178 -16.35 8.70 6.30
N ARG A 179 -15.56 8.56 5.24
CA ARG A 179 -16.10 7.96 4.03
C ARG A 179 -15.94 6.44 3.98
N GLY A 180 -15.13 5.85 4.85
CA GLY A 180 -14.89 4.41 4.79
C GLY A 180 -14.09 3.99 3.57
N GLU A 181 -13.27 4.87 3.01
CA GLU A 181 -12.48 4.62 1.82
C GLU A 181 -11.01 4.46 2.18
N LEU A 182 -10.36 3.48 1.56
CA LEU A 182 -8.94 3.26 1.76
C LEU A 182 -8.15 3.92 0.64
N LYS A 183 -6.95 4.41 1.00
CA LYS A 183 -6.06 5.04 0.03
C LYS A 183 -4.67 4.46 0.17
N LEU A 184 -4.11 3.99 -0.95
CA LEU A 184 -2.75 3.47 -1.00
C LEU A 184 -1.76 4.62 -1.15
N ILE A 185 -0.70 4.62 -0.33
CA ILE A 185 0.26 5.71 -0.30
C ILE A 185 1.66 5.15 -0.47
N ASP A 186 2.63 6.07 -0.54
CA ASP A 186 4.07 5.82 -0.58
C ASP A 186 4.50 4.92 -1.73
N PHE A 187 4.66 5.52 -2.90
CA PHE A 187 5.18 4.83 -4.08
C PHE A 187 6.69 4.91 -4.17
N GLY A 188 7.38 5.21 -3.07
CA GLY A 188 8.82 5.42 -3.09
C GLY A 188 9.64 4.18 -3.40
N SER A 189 9.04 3.00 -3.32
CA SER A 189 9.74 1.77 -3.70
C SER A 189 9.19 1.18 -4.98
N GLY A 190 8.27 1.86 -5.65
CA GLY A 190 7.60 1.29 -6.80
C GLY A 190 8.48 1.26 -8.04
N ALA A 191 7.91 0.73 -9.11
CA ALA A 191 8.58 0.61 -10.40
C ALA A 191 7.53 0.62 -11.49
N LEU A 192 7.96 0.90 -12.72
CA LEU A 192 7.10 0.63 -13.86
C LEU A 192 6.79 -0.86 -13.89
N LEU A 193 5.53 -1.20 -14.16
CA LEU A 193 5.17 -2.61 -14.26
C LEU A 193 5.74 -3.21 -15.54
N LYS A 194 6.32 -4.40 -15.43
CA LYS A 194 6.82 -5.13 -16.58
C LYS A 194 6.55 -6.61 -16.36
N ASP A 195 6.64 -7.39 -17.44
CA ASP A 195 6.35 -8.82 -17.39
C ASP A 195 7.60 -9.67 -17.19
N THR A 196 8.77 -9.08 -17.26
CA THR A 196 10.04 -9.79 -17.09
C THR A 196 10.44 -9.75 -15.62
N VAL A 197 11.58 -10.36 -15.30
CA VAL A 197 11.95 -10.56 -13.91
C VAL A 197 12.48 -9.27 -13.31
N TYR A 198 12.13 -9.02 -12.04
CA TYR A 198 12.80 -7.99 -11.23
C TYR A 198 13.92 -8.63 -10.42
N THR A 199 15.04 -7.92 -10.32
CA THR A 199 16.17 -8.39 -9.52
C THR A 199 16.61 -7.37 -8.49
N ASP A 200 15.87 -6.27 -8.35
CA ASP A 200 16.08 -5.27 -7.31
C ASP A 200 14.81 -5.17 -6.48
N PHE A 201 14.95 -4.80 -5.21
CA PHE A 201 13.80 -4.65 -4.33
C PHE A 201 14.19 -3.79 -3.14
N ASP A 202 13.36 -2.78 -2.85
CA ASP A 202 13.62 -1.89 -1.73
C ASP A 202 12.37 -1.70 -0.85
N GLY A 203 11.41 -2.62 -0.92
CA GLY A 203 10.22 -2.57 -0.08
C GLY A 203 10.45 -3.16 1.31
N THR A 204 9.37 -3.66 1.91
CA THR A 204 9.41 -4.20 3.26
C THR A 204 9.65 -5.70 3.21
N ARG A 205 10.73 -6.15 3.85
CA ARG A 205 11.17 -7.54 3.69
C ARG A 205 10.12 -8.54 4.17
N VAL A 206 9.45 -8.24 5.29
CA VAL A 206 8.49 -9.18 5.87
C VAL A 206 7.22 -9.31 5.03
N TYR A 207 7.03 -8.44 4.03
CA TYR A 207 5.98 -8.61 3.03
C TYR A 207 6.53 -9.11 1.70
N SER A 208 7.91 -9.41 1.61
CA SER A 208 8.47 -9.84 0.34
C SER A 208 8.33 -11.36 0.19
N PRO A 209 8.29 -11.85 -1.04
CA PRO A 209 7.97 -13.25 -1.26
C PRO A 209 9.19 -14.14 -1.13
N PRO A 210 8.98 -15.44 -0.96
CA PRO A 210 10.13 -16.34 -0.74
C PRO A 210 11.09 -16.40 -1.93
N GLU A 211 10.60 -16.21 -3.16
CA GLU A 211 11.51 -16.21 -4.31
C GLU A 211 12.47 -15.04 -4.24
N TRP A 212 12.06 -13.92 -3.62
CA TRP A 212 13.01 -12.83 -3.39
C TRP A 212 14.00 -13.20 -2.29
N ILE A 213 13.50 -13.81 -1.20
CA ILE A 213 14.38 -14.21 -0.09
C ILE A 213 15.42 -15.22 -0.58
N ARG A 214 14.97 -16.23 -1.33
CA ARG A 214 15.85 -17.32 -1.74
C ARG A 214 16.75 -16.92 -2.91
N TYR A 215 16.20 -16.25 -3.92
CA TYR A 215 16.88 -16.08 -5.19
C TYR A 215 17.07 -14.64 -5.64
N HIS A 216 16.56 -13.67 -4.88
CA HIS A 216 16.67 -12.26 -5.27
C HIS A 216 16.07 -12.01 -6.66
N ARG A 217 14.98 -12.71 -6.96
CA ARG A 217 14.24 -12.55 -8.21
C ARG A 217 12.76 -12.67 -7.90
N TYR A 218 11.94 -11.96 -8.67
CA TYR A 218 10.49 -12.08 -8.56
C TYR A 218 9.86 -11.47 -9.82
N HIS A 219 8.59 -11.83 -10.04
CA HIS A 219 7.77 -11.18 -11.03
C HIS A 219 6.74 -10.31 -10.32
N GLY A 220 6.28 -9.26 -11.00
CA GLY A 220 5.59 -8.19 -10.31
C GLY A 220 4.26 -8.61 -9.69
N ARG A 221 3.39 -9.22 -10.49
N ARG A 221 3.39 -9.24 -10.47
CA ARG A 221 2.03 -9.52 -10.05
CA ARG A 221 2.03 -9.49 -10.01
C ARG A 221 2.03 -10.58 -8.96
C ARG A 221 1.98 -10.60 -8.98
N SER A 222 2.77 -11.66 -9.16
CA SER A 222 2.79 -12.74 -8.18
C SER A 222 3.45 -12.28 -6.88
N ALA A 223 4.42 -11.36 -6.96
CA ALA A 223 4.98 -10.80 -5.73
C ALA A 223 3.97 -9.91 -5.02
N ALA A 224 3.22 -9.13 -5.79
CA ALA A 224 2.15 -8.31 -5.21
C ALA A 224 1.13 -9.18 -4.48
N VAL A 225 0.74 -10.30 -5.10
CA VAL A 225 -0.27 -11.18 -4.51
C VAL A 225 0.24 -11.78 -3.19
N TRP A 226 1.52 -12.14 -3.16
CA TRP A 226 2.11 -12.58 -1.89
C TRP A 226 1.95 -11.52 -0.81
N SER A 227 2.32 -10.26 -1.12
CA SER A 227 2.21 -9.23 -0.10
C SER A 227 0.75 -9.04 0.31
N LEU A 228 -0.18 -9.30 -0.60
CA LEU A 228 -1.60 -9.17 -0.26
C LEU A 228 -2.05 -10.27 0.67
N GLY A 229 -1.50 -11.48 0.52
CA GLY A 229 -1.77 -12.53 1.49
C GLY A 229 -1.27 -12.17 2.88
N ILE A 230 -0.07 -11.58 2.96
CA ILE A 230 0.48 -11.13 4.24
C ILE A 230 -0.44 -10.10 4.86
N LEU A 231 -0.95 -9.18 4.03
CA LEU A 231 -1.82 -8.10 4.50
C LEU A 231 -3.16 -8.65 5.00
N LEU A 232 -3.70 -9.64 4.30
CA LEU A 232 -5.00 -10.17 4.71
C LEU A 232 -4.89 -10.91 6.04
N TYR A 233 -3.83 -11.69 6.20
CA TYR A 233 -3.55 -12.34 7.48
C TYR A 233 -3.44 -11.29 8.59
N ASP A 234 -2.64 -10.25 8.34
CA ASP A 234 -2.49 -9.12 9.25
C ASP A 234 -3.85 -8.60 9.72
N MET A 235 -4.77 -8.39 8.78
CA MET A 235 -6.07 -7.84 9.11
C MET A 235 -6.87 -8.80 9.98
N VAL A 236 -6.94 -10.07 9.60
CA VAL A 236 -7.83 -10.99 10.32
C VAL A 236 -7.19 -11.63 11.54
N CYS A 237 -5.87 -11.49 11.72
CA CYS A 237 -5.19 -12.04 12.89
C CYS A 237 -4.63 -11.00 13.82
N GLY A 238 -4.52 -9.75 13.37
CA GLY A 238 -4.03 -8.67 14.20
C GLY A 238 -2.56 -8.42 14.10
N ASP A 239 -1.81 -9.25 13.37
CA ASP A 239 -0.41 -8.97 13.05
C ASP A 239 0.00 -9.88 11.90
N ILE A 240 1.11 -9.54 11.25
CA ILE A 240 1.61 -10.28 10.10
C ILE A 240 2.06 -11.68 10.53
N PRO A 241 2.09 -12.68 9.62
CA PRO A 241 2.41 -14.05 10.06
C PRO A 241 3.89 -14.32 10.25
N PHE A 242 4.76 -13.64 9.49
CA PHE A 242 6.17 -13.98 9.44
C PHE A 242 7.01 -12.76 9.82
N GLU A 243 8.04 -13.02 10.65
CA GLU A 243 9.03 -12.01 10.99
C GLU A 243 10.43 -12.36 10.52
N HIS A 244 10.73 -13.64 10.27
CA HIS A 244 12.08 -14.09 9.95
C HIS A 244 12.09 -14.79 8.60
N ASP A 245 13.24 -14.72 7.94
CA ASP A 245 13.40 -15.31 6.61
C ASP A 245 12.94 -16.75 6.58
N GLU A 246 13.30 -17.53 7.60
CA GLU A 246 12.96 -18.95 7.62
C GLU A 246 11.46 -19.15 7.62
N GLU A 247 10.72 -18.31 8.34
CA GLU A 247 9.27 -18.36 8.28
C GLU A 247 8.76 -18.05 6.87
N ILE A 248 9.35 -17.05 6.22
CA ILE A 248 8.86 -16.64 4.91
C ILE A 248 9.00 -17.77 3.91
N ILE A 249 10.14 -18.46 3.91
CA ILE A 249 10.35 -19.53 2.94
C ILE A 249 9.77 -20.86 3.39
N GLY A 250 9.35 -20.97 4.65
CA GLY A 250 8.95 -22.24 5.25
C GLY A 250 7.61 -22.80 4.79
N GLY A 251 6.73 -21.96 4.24
CA GLY A 251 5.50 -22.48 3.67
C GLY A 251 4.43 -22.95 4.64
N GLN A 252 4.50 -22.55 5.91
CA GLN A 252 3.51 -22.94 6.91
C GLN A 252 2.84 -21.69 7.48
N VAL A 253 1.52 -21.68 7.45
CA VAL A 253 0.74 -20.54 7.93
C VAL A 253 -0.07 -21.04 9.14
N PHE A 254 0.31 -20.59 10.33
CA PHE A 254 -0.42 -20.91 11.55
C PHE A 254 -1.38 -19.77 11.83
N PHE A 255 -2.64 -20.10 12.14
CA PHE A 255 -3.63 -19.08 12.45
C PHE A 255 -3.79 -18.94 13.97
N ARG A 256 -3.45 -17.75 14.46
CA ARG A 256 -3.42 -17.41 15.87
C ARG A 256 -4.78 -16.89 16.35
N GLN A 257 -5.70 -16.65 15.43
CA GLN A 257 -7.04 -16.19 15.72
C GLN A 257 -8.02 -17.13 15.05
N ARG A 258 -9.26 -17.10 15.54
CA ARG A 258 -10.36 -17.74 14.84
C ARG A 258 -10.57 -17.04 13.51
N VAL A 259 -10.40 -17.79 12.42
CA VAL A 259 -10.55 -17.28 11.05
C VAL A 259 -11.31 -18.35 10.26
N SER A 260 -12.32 -17.91 9.50
CA SER A 260 -13.17 -18.83 8.74
C SER A 260 -12.33 -19.68 7.79
N SEP A 261 -12.81 -20.89 7.52
CA SEP A 261 -12.17 -21.77 6.56
CB SEP A 261 -12.93 -23.10 6.43
OG SEP A 261 -12.95 -23.79 7.68
C SEP A 261 -12.00 -21.13 5.15
O SEP A 261 -10.96 -21.31 4.50
P SEP A 261 -14.40 -23.81 8.40
O1P SEP A 261 -15.45 -24.55 7.41
O2P SEP A 261 -14.28 -24.65 9.78
O3P SEP A 261 -14.92 -22.31 8.71
N GLU A 262 -13.00 -20.38 4.69
CA GLU A 262 -12.86 -19.72 3.39
C GLU A 262 -11.73 -18.68 3.40
N CYS A 263 -11.67 -17.88 4.47
CA CYS A 263 -10.63 -16.87 4.56
C CYS A 263 -9.26 -17.51 4.67
N GLN A 264 -9.12 -18.55 5.51
CA GLN A 264 -7.85 -19.26 5.59
C GLN A 264 -7.41 -19.77 4.23
N HIS A 265 -8.36 -20.30 3.46
CA HIS A 265 -8.01 -20.83 2.15
C HIS A 265 -7.48 -19.72 1.23
N LEU A 266 -8.17 -18.57 1.19
CA LEU A 266 -7.67 -17.47 0.36
C LEU A 266 -6.27 -17.06 0.77
N ILE A 267 -6.04 -16.93 2.07
CA ILE A 267 -4.72 -16.51 2.54
C ILE A 267 -3.67 -17.52 2.11
N ARG A 268 -3.92 -18.80 2.37
CA ARG A 268 -2.93 -19.82 2.04
C ARG A 268 -2.67 -19.85 0.53
N TRP A 269 -3.70 -19.59 -0.27
CA TRP A 269 -3.51 -19.55 -1.72
C TRP A 269 -2.64 -18.35 -2.11
N CYS A 270 -2.92 -17.17 -1.56
CA CYS A 270 -2.06 -16.02 -1.82
C CYS A 270 -0.63 -16.27 -1.37
N LEU A 271 -0.44 -17.08 -0.32
CA LEU A 271 0.89 -17.37 0.20
C LEU A 271 1.45 -18.69 -0.31
N ALA A 272 0.99 -19.17 -1.46
CA ALA A 272 1.66 -20.32 -2.09
C ALA A 272 3.13 -20.02 -2.31
N LEU A 273 3.97 -21.02 -2.02
CA LEU A 273 5.43 -20.84 -2.15
C LEU A 273 5.85 -20.67 -3.61
N ARG A 274 5.27 -21.45 -4.53
CA ARG A 274 5.60 -21.28 -5.94
C ARG A 274 4.78 -20.12 -6.50
N PRO A 275 5.42 -19.10 -7.10
CA PRO A 275 4.64 -17.96 -7.64
C PRO A 275 3.54 -18.36 -8.60
N SER A 276 3.78 -19.36 -9.45
CA SER A 276 2.77 -19.73 -10.43
C SER A 276 1.54 -20.34 -9.78
N ASP A 277 1.65 -20.82 -8.54
CA ASP A 277 0.50 -21.37 -7.81
C ASP A 277 -0.36 -20.32 -7.13
N ARG A 278 0.03 -19.05 -7.15
CA ARG A 278 -0.78 -18.04 -6.49
C ARG A 278 -1.92 -17.60 -7.39
N PRO A 279 -2.99 -17.07 -6.81
CA PRO A 279 -4.11 -16.62 -7.62
C PRO A 279 -3.81 -15.32 -8.35
N THR A 280 -4.47 -15.15 -9.49
CA THR A 280 -4.53 -13.84 -10.13
C THR A 280 -5.43 -12.91 -9.31
N PHE A 281 -5.40 -11.62 -9.64
CA PHE A 281 -6.31 -10.69 -8.97
C PHE A 281 -7.76 -11.09 -9.20
N GLU A 282 -8.08 -11.58 -10.41
CA GLU A 282 -9.45 -11.98 -10.70
C GLU A 282 -9.87 -13.17 -9.86
N GLU A 283 -8.99 -14.15 -9.69
CA GLU A 283 -9.29 -15.30 -8.83
C GLU A 283 -9.45 -14.90 -7.36
N ILE A 284 -8.69 -13.91 -6.89
CA ILE A 284 -8.91 -13.42 -5.53
C ILE A 284 -10.31 -12.83 -5.40
N GLN A 285 -10.68 -11.95 -6.33
CA GLN A 285 -11.95 -11.24 -6.24
C GLN A 285 -13.14 -12.15 -6.52
N ASN A 286 -12.95 -13.27 -7.22
CA ASN A 286 -14.01 -14.26 -7.37
C ASN A 286 -14.02 -15.32 -6.27
N HIS A 287 -13.06 -15.27 -5.35
CA HIS A 287 -13.03 -16.25 -4.28
C HIS A 287 -14.30 -16.17 -3.44
N PRO A 288 -14.81 -17.30 -2.93
CA PRO A 288 -16.05 -17.25 -2.13
C PRO A 288 -15.96 -16.32 -0.92
N TRP A 289 -14.79 -16.20 -0.28
CA TRP A 289 -14.71 -15.33 0.88
C TRP A 289 -14.92 -13.87 0.52
N MET A 290 -14.73 -13.50 -0.75
CA MET A 290 -14.75 -12.12 -1.20
C MET A 290 -16.12 -11.66 -1.69
N GLN A 291 -17.15 -12.48 -1.57
CA GLN A 291 -18.47 -12.13 -2.08
C GLN A 291 -19.26 -11.31 -1.04
N ASP A 292 -20.19 -10.51 -1.55
CA ASP A 292 -21.07 -9.66 -0.75
C ASP A 292 -20.31 -8.63 0.07
N VAL A 293 -19.37 -7.94 -0.58
CA VAL A 293 -18.60 -6.91 0.09
C VAL A 293 -19.51 -5.72 0.42
N LEU A 294 -19.21 -5.05 1.53
CA LEU A 294 -19.91 -3.83 1.89
C LEU A 294 -19.42 -2.67 1.02
N LEU A 295 -20.31 -1.72 0.78
CA LEU A 295 -19.91 -0.48 0.13
C LEU A 295 -19.08 0.35 1.11
N PRO A 296 -18.28 1.30 0.61
CA PRO A 296 -17.47 2.12 1.54
C PRO A 296 -18.29 2.84 2.61
N GLN A 297 -19.41 3.44 2.22
CA GLN A 297 -20.21 4.20 3.20
C GLN A 297 -20.82 3.28 4.25
N GLU A 298 -21.36 2.13 3.82
CA GLU A 298 -21.79 1.10 4.77
C GLU A 298 -20.65 0.73 5.71
N THR A 299 -19.44 0.55 5.18
CA THR A 299 -18.30 0.20 6.03
C THR A 299 -18.09 1.24 7.10
N ALA A 300 -18.08 2.52 6.71
CA ALA A 300 -17.91 3.60 7.68
C ALA A 300 -19.01 3.59 8.72
N GLU A 301 -20.27 3.48 8.28
CA GLU A 301 -21.39 3.58 9.21
C GLU A 301 -21.42 2.40 10.18
N ILE A 302 -21.07 1.20 9.72
CA ILE A 302 -21.16 0.02 10.57
C ILE A 302 -19.95 -0.09 11.48
N HIS A 303 -18.75 0.23 10.96
CA HIS A 303 -17.52 -0.13 11.64
C HIS A 303 -16.64 1.04 12.05
N LEU A 304 -16.82 2.23 11.47
CA LEU A 304 -15.89 3.32 11.73
C LEU A 304 -16.51 4.51 12.45
N HIS A 305 -17.79 4.80 12.24
CA HIS A 305 -18.47 5.87 12.97
C HIS A 305 -18.81 5.43 14.39
N ARG B 2 5.09 -11.95 22.09
N ARG B 2 4.62 -12.28 21.17
CA ARG B 2 5.51 -11.29 20.86
CA ARG B 2 5.25 -11.38 20.22
C ARG B 2 4.97 -9.85 20.82
C ARG B 2 4.79 -9.93 20.42
N LYS B 3 5.66 -9.00 20.06
CA LYS B 3 5.32 -7.59 19.96
C LYS B 3 5.08 -7.23 18.50
N ARG B 4 4.05 -6.43 18.26
CA ARG B 4 3.74 -5.94 16.93
C ARG B 4 4.55 -4.68 16.67
N ARG B 5 5.15 -4.59 15.48
CA ARG B 5 6.00 -3.45 15.19
C ARG B 5 5.93 -3.10 13.72
N ARG B 6 6.21 -1.84 13.43
CA ARG B 6 6.41 -1.41 12.05
C ARG B 6 7.73 -1.96 11.52
N HIS B 7 7.84 -2.03 10.19
CA HIS B 7 9.05 -2.49 9.55
C HIS B 7 9.46 -1.49 8.47
N PRO B 8 10.72 -1.08 8.46
CA PRO B 8 11.16 -0.07 7.50
C PRO B 8 11.29 -0.65 6.09
N SER B 9 11.29 0.25 5.12
CA SER B 9 11.43 -0.11 3.71
C SER B 9 12.86 0.10 3.25
C4 8N8 C . 1.74 10.15 6.06
C4 8N8 C . 2.67 10.01 4.74
BR1 8N8 C . -1.82 12.00 2.27
BR1 8N8 C . 2.52 9.25 -0.64
C1 8N8 C . -0.26 11.27 3.02
C1 8N8 C . 1.98 9.85 1.05
C2 8N8 C . -0.07 11.12 4.40
C2 8N8 C . 2.76 9.66 2.17
BR 8N8 C . -1.37 11.69 5.65
BR 8N8 C . 4.48 8.90 2.04
C3 8N8 C . 1.13 10.52 4.71
C3 8N8 C . 2.17 10.10 3.33
O1 8N8 C . 1.16 10.54 7.10
O1 8N8 C . 3.70 9.34 4.95
O 8N8 C . 2.81 9.47 6.02
O 8N8 C . 1.99 10.61 5.61
S 8N8 C . 1.99 10.15 3.25
S 8N8 C . 0.63 10.79 2.94
C 8N8 C . 0.74 10.80 2.25
C 8N8 C . 0.81 10.45 1.27
#